data_7MG9
#
_entry.id   7MG9
#
_cell.length_a   65.979
_cell.length_b   70.180
_cell.length_c   124.420
_cell.angle_alpha   90.00
_cell.angle_beta   90.00
_cell.angle_gamma   90.00
#
_symmetry.space_group_name_H-M   'P 21 2 21'
#
loop_
_entity.id
_entity.type
_entity.pdbx_description
1 polymer Concanavalin-A
2 polymer "DNA (5'-D(P*AP*AP*AP*A)-3')"
3 polymer "DNA (5'-D(P*TP*TP*TP*T)-3')"
4 non-polymer 'MANGANESE (II) ION'
5 non-polymer 'CALCIUM ION'
6 non-polymer alpha-D-mannopyranose
7 non-polymer 3-{[2-(2-hydroxyethoxy)ethyl]amino}-4-[(6-hydroxyhexyl)amino]cyclobut-3-ene-1,2-dione
8 water water
#
loop_
_entity_poly.entity_id
_entity_poly.type
_entity_poly.pdbx_seq_one_letter_code
_entity_poly.pdbx_strand_id
1 'polypeptide(L)'
;ADTIVAVELDTYPNTDIGDPSYPHIGIDIKSVRSKKTAKWNMQNGKVGTAHIIYNSVDKRLSAVVSYPNADSATVSYDVD
LDNVLPEWVRVGLSASTGLYKETNTILSWSFTSKLKSNSTHETNALHFMFNQFSKDQKDLILQGDATTGTDGNLELTRVS
SNGSPQGSSVGRALFYAPVHIWESSAVVASFEATFTFLIKSPDSHPADGIAFFISNIDSSIPSGSTGRLLGLFPDAN
;
A,B
2 'polydeoxyribonucleotide' (DA)(DA)(DA)(DA) C
3 'polydeoxyribonucleotide' (DT)(DT)(DT)(DT) D
#
loop_
_chem_comp.id
_chem_comp.type
_chem_comp.name
_chem_comp.formula
CA non-polymer 'CALCIUM ION' 'Ca 2'
DA DNA linking 2'-DEOXYADENOSINE-5'-MONOPHOSPHATE 'C10 H14 N5 O6 P'
DT DNA linking THYMIDINE-5'-MONOPHOSPHATE 'C10 H15 N2 O8 P'
MAN D-saccharide, alpha linking alpha-D-mannopyranose 'C6 H12 O6'
MN non-polymer 'MANGANESE (II) ION' 'Mn 2'
SQ0 non-polymer 3-{[2-(2-hydroxyethoxy)ethyl]amino}-4-[(6-hydroxyhexyl)amino]cyclobut-3-ene-1,2-dione 'C14 H24 N2 O5'
#
# COMPACT_ATOMS: atom_id res chain seq x y z
N ALA A 1 -2.67 -21.67 -13.94
CA ALA A 1 -1.63 -20.61 -14.09
C ALA A 1 -2.08 -19.35 -13.35
N ASP A 2 -1.38 -18.24 -13.53
CA ASP A 2 -1.83 -16.90 -13.06
C ASP A 2 -3.17 -16.56 -13.71
N THR A 3 -4.01 -15.80 -13.00
CA THR A 3 -5.26 -15.19 -13.51
C THR A 3 -4.98 -13.71 -13.74
N ILE A 4 -5.21 -13.24 -14.96
CA ILE A 4 -4.79 -11.88 -15.43
C ILE A 4 -5.97 -11.20 -16.09
N VAL A 5 -6.19 -9.93 -15.76
CA VAL A 5 -7.05 -8.93 -16.47
C VAL A 5 -6.17 -7.72 -16.77
N ALA A 6 -6.02 -7.33 -18.03
CA ALA A 6 -5.09 -6.25 -18.39
C ALA A 6 -5.74 -5.29 -19.37
N VAL A 7 -5.23 -4.07 -19.43
CA VAL A 7 -5.48 -3.11 -20.52
C VAL A 7 -4.15 -2.99 -21.27
N GLU A 8 -4.10 -3.48 -22.51
CA GLU A 8 -2.84 -3.54 -23.30
C GLU A 8 -2.77 -2.28 -24.17
N LEU A 9 -1.64 -1.60 -24.12
CA LEU A 9 -1.15 -0.62 -25.13
C LEU A 9 -0.24 -1.39 -26.12
N ASP A 10 -0.85 -2.17 -27.03
CA ASP A 10 -0.16 -3.05 -28.02
C ASP A 10 0.28 -2.21 -29.21
N THR A 11 1.60 -2.05 -29.40
CA THR A 11 2.23 -1.21 -30.45
C THR A 11 2.52 -2.02 -31.72
N TYR A 12 2.59 -3.35 -31.61
CA TYR A 12 2.98 -4.28 -32.70
C TYR A 12 1.85 -5.22 -33.05
N PRO A 13 1.20 -5.03 -34.22
CA PRO A 13 0.16 -5.95 -34.67
C PRO A 13 0.66 -7.37 -34.98
N ASN A 14 0.17 -8.34 -34.21
CA ASN A 14 0.38 -9.79 -34.34
C ASN A 14 -0.91 -10.43 -34.84
N THR A 15 -1.14 -10.53 -36.16
CA THR A 15 -2.39 -11.06 -36.77
C THR A 15 -2.52 -12.58 -36.50
N ASP A 16 -1.40 -13.27 -36.34
CA ASP A 16 -1.33 -14.71 -35.99
C ASP A 16 -2.14 -15.01 -34.72
N ILE A 17 -2.35 -14.00 -33.85
CA ILE A 17 -2.98 -14.13 -32.49
C ILE A 17 -4.11 -13.12 -32.30
N GLY A 18 -4.70 -12.61 -33.39
CA GLY A 18 -6.02 -11.93 -33.35
C GLY A 18 -5.92 -10.42 -33.25
N ASP A 19 -4.72 -9.88 -33.04
CA ASP A 19 -4.48 -8.41 -32.99
C ASP A 19 -4.98 -7.82 -34.31
N PRO A 20 -5.59 -6.62 -34.32
CA PRO A 20 -5.95 -5.97 -35.58
C PRO A 20 -4.64 -5.58 -36.29
N SER A 21 -4.72 -5.14 -37.54
CA SER A 21 -3.53 -4.86 -38.39
C SER A 21 -2.90 -3.50 -38.06
N TYR A 22 -3.22 -2.92 -36.90
CA TYR A 22 -2.79 -1.55 -36.50
C TYR A 22 -2.47 -1.56 -35.00
N PRO A 23 -1.61 -0.64 -34.55
CA PRO A 23 -1.37 -0.45 -33.12
C PRO A 23 -2.73 -0.16 -32.49
N HIS A 24 -3.02 -0.79 -31.36
CA HIS A 24 -4.36 -0.81 -30.73
C HIS A 24 -4.22 -0.77 -29.21
N ILE A 25 -5.30 -0.36 -28.53
CA ILE A 25 -5.51 -0.61 -27.07
C ILE A 25 -6.59 -1.67 -26.97
N GLY A 26 -6.46 -2.58 -26.02
CA GLY A 26 -7.40 -3.70 -25.87
C GLY A 26 -7.64 -4.05 -24.41
N ILE A 27 -8.79 -4.67 -24.14
CA ILE A 27 -9.07 -5.27 -22.81
C ILE A 27 -8.83 -6.78 -22.95
N ASP A 28 -7.92 -7.31 -22.13
CA ASP A 28 -7.55 -8.75 -22.12
C ASP A 28 -8.12 -9.38 -20.84
N ILE A 29 -8.86 -10.48 -20.98
CA ILE A 29 -9.44 -11.24 -19.84
C ILE A 29 -8.97 -12.70 -19.92
N LYS A 30 -7.87 -13.00 -19.24
CA LYS A 30 -7.27 -14.36 -19.07
C LYS A 30 -6.79 -14.87 -20.43
N SER A 31 -6.57 -13.97 -21.40
CA SER A 31 -6.09 -14.25 -22.79
C SER A 31 -5.48 -12.98 -23.39
N VAL A 32 -4.44 -13.15 -24.21
CA VAL A 32 -3.76 -12.04 -24.92
C VAL A 32 -4.63 -11.63 -26.13
N ARG A 33 -5.52 -12.52 -26.58
CA ARG A 33 -6.51 -12.20 -27.64
C ARG A 33 -7.58 -11.32 -27.00
N SER A 34 -7.43 -10.02 -27.16
CA SER A 34 -8.18 -8.99 -26.41
C SER A 34 -9.68 -9.21 -26.65
N LYS A 35 -10.48 -9.07 -25.59
CA LYS A 35 -11.96 -9.23 -25.70
C LYS A 35 -12.53 -8.06 -26.51
N LYS A 36 -11.91 -6.88 -26.44
CA LYS A 36 -12.26 -5.74 -27.32
C LYS A 36 -11.02 -4.85 -27.52
N THR A 37 -10.87 -4.26 -28.71
CA THR A 37 -9.73 -3.37 -29.09
C THR A 37 -10.25 -2.06 -29.67
N ALA A 38 -9.34 -1.12 -29.91
CA ALA A 38 -9.64 0.14 -30.62
C ALA A 38 -8.35 0.67 -31.24
N LYS A 39 -8.43 1.28 -32.42
CA LYS A 39 -7.24 1.83 -33.12
C LYS A 39 -6.59 2.83 -32.17
N TRP A 40 -5.27 2.80 -32.09
CA TRP A 40 -4.44 3.69 -31.26
C TRP A 40 -3.30 4.28 -32.10
N ASN A 41 -3.29 5.61 -32.29
CA ASN A 41 -2.24 6.33 -33.06
C ASN A 41 -1.06 6.61 -32.12
N MET A 42 -0.30 5.56 -31.77
CA MET A 42 0.92 5.68 -30.92
C MET A 42 1.83 6.75 -31.53
N GLN A 43 2.48 7.57 -30.71
CA GLN A 43 3.37 8.66 -31.17
C GLN A 43 4.78 8.41 -30.61
N ASN A 44 5.71 8.06 -31.50
CA ASN A 44 7.12 7.71 -31.21
C ASN A 44 7.82 8.87 -30.48
N GLY A 45 8.16 8.67 -29.20
CA GLY A 45 8.98 9.62 -28.43
C GLY A 45 8.18 10.74 -27.81
N LYS A 46 6.85 10.64 -27.77
CA LYS A 46 5.96 11.65 -27.14
C LYS A 46 5.44 11.03 -25.85
N VAL A 47 5.39 11.81 -24.77
CA VAL A 47 4.88 11.41 -23.43
C VAL A 47 3.35 11.30 -23.48
N GLY A 48 2.84 10.06 -23.39
CA GLY A 48 1.39 9.75 -23.44
C GLY A 48 0.84 9.41 -22.07
N THR A 49 -0.49 9.28 -21.95
CA THR A 49 -1.22 9.14 -20.66
C THR A 49 -2.32 8.09 -20.83
N ALA A 50 -2.48 7.21 -19.85
CA ALA A 50 -3.48 6.13 -19.83
C ALA A 50 -4.31 6.29 -18.57
N HIS A 51 -5.63 6.10 -18.73
CA HIS A 51 -6.62 6.11 -17.63
CA HIS A 51 -6.61 6.10 -17.63
C HIS A 51 -7.43 4.81 -17.73
N ILE A 52 -7.48 4.03 -16.66
CA ILE A 52 -8.25 2.76 -16.57
C ILE A 52 -9.24 2.94 -15.43
N ILE A 53 -10.53 2.66 -15.66
CA ILE A 53 -11.59 2.82 -14.63
C ILE A 53 -12.54 1.61 -14.66
N TYR A 54 -13.25 1.38 -13.55
CA TYR A 54 -14.17 0.24 -13.33
C TYR A 54 -14.96 0.51 -12.06
N ASN A 55 -16.21 0.01 -11.98
CA ASN A 55 -16.94 -0.04 -10.69
C ASN A 55 -17.80 -1.31 -10.62
N SER A 56 -18.24 -1.65 -9.39
CA SER A 56 -19.13 -2.79 -9.06
C SER A 56 -20.55 -2.55 -9.60
N VAL A 57 -20.93 -1.31 -9.88
CA VAL A 57 -22.32 -0.96 -10.30
C VAL A 57 -22.47 -1.27 -11.79
N ASP A 58 -21.67 -0.62 -12.64
CA ASP A 58 -21.72 -0.72 -14.12
C ASP A 58 -20.97 -1.98 -14.55
N LYS A 59 -20.08 -2.49 -13.70
CA LYS A 59 -19.20 -3.65 -13.97
C LYS A 59 -18.63 -3.50 -15.39
N ARG A 60 -18.16 -2.30 -15.73
CA ARG A 60 -17.62 -2.00 -17.07
C ARG A 60 -16.18 -1.54 -16.93
N LEU A 61 -15.23 -2.23 -17.55
CA LEU A 61 -13.80 -1.85 -17.57
C LEU A 61 -13.56 -1.02 -18.83
N SER A 62 -13.09 0.21 -18.65
CA SER A 62 -12.84 1.19 -19.73
C SER A 62 -11.41 1.69 -19.59
N ALA A 63 -10.82 2.13 -20.69
CA ALA A 63 -9.51 2.82 -20.67
C ALA A 63 -9.50 3.93 -21.72
N VAL A 64 -8.65 4.92 -21.49
CA VAL A 64 -8.47 6.06 -22.43
C VAL A 64 -6.99 6.43 -22.43
N VAL A 65 -6.39 6.47 -23.63
CA VAL A 65 -4.95 6.73 -23.84
C VAL A 65 -4.85 7.96 -24.73
N SER A 66 -4.04 8.92 -24.32
CA SER A 66 -4.04 10.31 -24.85
C SER A 66 -2.61 10.78 -25.06
N TYR A 67 -2.43 11.69 -26.01
CA TYR A 67 -1.21 12.52 -26.18
C TYR A 67 -1.65 13.98 -26.22
N PRO A 68 -0.76 14.94 -25.85
CA PRO A 68 -0.99 16.34 -26.16
C PRO A 68 -1.54 16.58 -27.58
N ASN A 69 -2.59 17.39 -27.70
CA ASN A 69 -3.02 17.99 -28.99
C ASN A 69 -3.13 16.88 -30.05
N ALA A 70 -3.99 15.91 -29.78
CA ALA A 70 -4.45 14.84 -30.72
C ALA A 70 -5.63 14.09 -30.10
N ASP A 71 -6.54 13.60 -30.95
CA ASP A 71 -7.72 12.81 -30.48
C ASP A 71 -7.21 11.60 -29.72
N SER A 72 -7.81 11.30 -28.57
CA SER A 72 -7.48 10.13 -27.72
C SER A 72 -8.10 8.86 -28.31
N ALA A 73 -7.73 7.69 -27.76
CA ALA A 73 -8.35 6.37 -28.03
C ALA A 73 -8.98 5.83 -26.73
N THR A 74 -10.09 5.11 -26.85
CA THR A 74 -10.89 4.59 -25.71
C THR A 74 -11.49 3.24 -26.09
N VAL A 75 -11.49 2.30 -25.14
CA VAL A 75 -12.06 0.94 -25.30
C VAL A 75 -12.78 0.62 -23.98
N SER A 76 -13.82 -0.21 -24.03
CA SER A 76 -14.74 -0.56 -22.91
C SER A 76 -15.23 -1.99 -23.12
N TYR A 77 -15.34 -2.74 -22.04
CA TYR A 77 -15.85 -4.15 -22.06
C TYR A 77 -16.57 -4.39 -20.75
N ASP A 78 -17.84 -4.79 -20.84
CA ASP A 78 -18.64 -5.21 -19.67
C ASP A 78 -18.08 -6.57 -19.25
N VAL A 79 -17.61 -6.67 -18.01
CA VAL A 79 -17.16 -7.94 -17.39
C VAL A 79 -17.34 -7.81 -15.87
N ASP A 80 -17.86 -8.84 -15.22
CA ASP A 80 -17.94 -8.93 -13.73
C ASP A 80 -16.60 -9.53 -13.26
N LEU A 81 -15.75 -8.73 -12.64
CA LEU A 81 -14.43 -9.17 -12.14
C LEU A 81 -14.62 -10.06 -10.89
N ASP A 82 -15.82 -10.11 -10.31
CA ASP A 82 -16.19 -11.12 -9.28
C ASP A 82 -16.01 -12.52 -9.87
N ASN A 83 -16.30 -12.68 -11.17
CA ASN A 83 -16.33 -13.97 -11.92
C ASN A 83 -14.98 -14.28 -12.56
N VAL A 84 -14.08 -13.29 -12.70
CA VAL A 84 -12.72 -13.49 -13.31
C VAL A 84 -11.65 -13.57 -12.22
N LEU A 85 -11.56 -12.57 -11.32
CA LEU A 85 -10.39 -12.38 -10.42
C LEU A 85 -10.66 -12.94 -9.02
N PRO A 86 -9.62 -13.15 -8.18
CA PRO A 86 -9.86 -13.49 -6.79
C PRO A 86 -10.13 -12.17 -6.05
N GLU A 87 -10.69 -12.24 -4.84
CA GLU A 87 -11.05 -11.01 -4.09
C GLU A 87 -9.78 -10.22 -3.84
N TRP A 88 -8.70 -10.93 -3.60
CA TRP A 88 -7.44 -10.26 -3.27
C TRP A 88 -6.49 -10.36 -4.45
N VAL A 89 -5.89 -9.24 -4.85
CA VAL A 89 -5.08 -9.12 -6.09
C VAL A 89 -3.91 -8.19 -5.82
N ARG A 90 -2.96 -8.18 -6.74
CA ARG A 90 -1.91 -7.13 -6.84
C ARG A 90 -2.11 -6.38 -8.15
N VAL A 91 -1.71 -5.12 -8.25
CA VAL A 91 -1.83 -4.37 -9.53
C VAL A 91 -0.42 -4.00 -10.01
N GLY A 92 -0.25 -3.96 -11.33
CA GLY A 92 1.08 -3.87 -11.97
C GLY A 92 1.03 -3.26 -13.36
N LEU A 93 2.22 -2.91 -13.84
CA LEU A 93 2.52 -2.51 -15.22
C LEU A 93 3.50 -3.55 -15.76
N SER A 94 3.23 -4.04 -16.96
CA SER A 94 4.06 -5.02 -17.67
C SER A 94 4.41 -4.42 -19.04
N ALA A 95 5.57 -4.77 -19.59
CA ALA A 95 6.00 -4.35 -20.94
C ALA A 95 6.92 -5.43 -21.51
N SER A 96 6.95 -5.58 -22.84
CA SER A 96 7.85 -6.56 -23.48
C SER A 96 8.30 -6.03 -24.83
N THR A 97 9.43 -6.54 -25.30
CA THR A 97 9.93 -6.46 -26.69
C THR A 97 10.18 -7.88 -27.21
N GLY A 98 10.31 -8.05 -28.54
CA GLY A 98 10.73 -9.32 -29.18
C GLY A 98 11.78 -9.07 -30.26
N LEU A 99 11.49 -9.51 -31.50
CA LEU A 99 12.31 -9.23 -32.71
C LEU A 99 12.47 -7.72 -32.84
N TYR A 100 11.39 -6.96 -32.66
CA TYR A 100 11.39 -5.48 -32.66
C TYR A 100 11.32 -4.97 -31.21
N LYS A 101 11.69 -3.71 -31.00
CA LYS A 101 12.05 -3.15 -29.66
C LYS A 101 11.59 -1.70 -29.53
N GLU A 102 11.50 -1.22 -28.28
CA GLU A 102 11.08 0.15 -27.90
C GLU A 102 11.43 0.39 -26.41
N THR A 103 11.70 1.64 -26.02
CA THR A 103 11.75 2.04 -24.58
C THR A 103 10.33 1.89 -24.04
N ASN A 104 10.16 1.23 -22.89
CA ASN A 104 8.85 1.14 -22.18
C ASN A 104 8.99 1.94 -20.88
N THR A 105 9.20 3.24 -21.01
CA THR A 105 9.47 4.17 -19.88
C THR A 105 8.14 4.60 -19.24
N ILE A 106 8.05 4.46 -17.92
CA ILE A 106 6.89 4.90 -17.08
C ILE A 106 7.41 6.09 -16.28
N LEU A 107 6.72 7.24 -16.35
CA LEU A 107 7.15 8.51 -15.71
C LEU A 107 6.29 8.77 -14.46
N SER A 108 5.12 8.14 -14.39
CA SER A 108 4.12 8.35 -13.33
C SER A 108 3.13 7.18 -13.32
N TRP A 109 2.75 6.76 -12.12
CA TRP A 109 1.71 5.72 -11.93
C TRP A 109 0.96 6.01 -10.63
N SER A 110 -0.35 6.17 -10.73
CA SER A 110 -1.22 6.37 -9.56
C SER A 110 -2.31 5.30 -9.61
N PHE A 111 -2.85 4.97 -8.46
CA PHE A 111 -3.91 3.94 -8.31
C PHE A 111 -4.76 4.32 -7.09
N THR A 112 -6.09 4.25 -7.23
CA THR A 112 -7.08 4.47 -6.16
C THR A 112 -8.05 3.30 -6.17
N SER A 113 -8.30 2.67 -5.02
CA SER A 113 -9.33 1.63 -4.85
C SER A 113 -10.20 1.98 -3.64
N LYS A 114 -11.53 1.91 -3.79
CA LYS A 114 -12.53 2.19 -2.73
C LYS A 114 -13.48 0.99 -2.68
N LEU A 115 -13.93 0.59 -1.48
CA LEU A 115 -14.71 -0.65 -1.26
C LEU A 115 -15.58 -0.50 0.01
N LYS A 116 -16.91 -0.36 -0.14
CA LYS A 116 -17.91 -0.21 0.99
C LYS A 116 -18.83 -1.45 1.01
N THR A 123 -16.38 2.80 4.56
CA THR A 123 -15.62 2.58 3.29
C THR A 123 -14.14 2.33 3.58
N ASN A 124 -13.54 1.32 2.93
CA ASN A 124 -12.08 1.06 2.94
C ASN A 124 -11.45 1.64 1.66
N ALA A 125 -10.23 2.17 1.74
CA ALA A 125 -9.58 2.87 0.62
C ALA A 125 -8.08 2.61 0.59
N LEU A 126 -7.54 2.45 -0.62
CA LEU A 126 -6.08 2.44 -0.89
C LEU A 126 -5.78 3.40 -2.04
N HIS A 127 -4.75 4.21 -1.87
CA HIS A 127 -4.28 5.15 -2.90
C HIS A 127 -2.76 5.17 -2.85
N PHE A 128 -2.13 5.10 -4.02
CA PHE A 128 -0.70 5.42 -4.17
C PHE A 128 -0.55 6.24 -5.43
N MET A 129 0.52 7.02 -5.46
CA MET A 129 0.89 7.87 -6.60
C MET A 129 2.41 7.90 -6.67
N PHE A 130 2.98 7.45 -7.78
CA PHE A 130 4.43 7.61 -8.07
C PHE A 130 4.54 8.68 -9.16
N ASN A 131 5.21 9.80 -8.88
CA ASN A 131 5.57 10.80 -9.92
C ASN A 131 7.08 10.78 -10.14
N GLN A 132 7.82 10.22 -9.17
CA GLN A 132 9.26 9.90 -9.28
C GLN A 132 9.40 8.44 -8.82
N PHE A 133 10.47 7.76 -9.27
CA PHE A 133 10.82 6.36 -8.89
C PHE A 133 12.27 6.35 -8.43
N SER A 134 12.55 5.94 -7.19
CA SER A 134 13.90 5.96 -6.58
C SER A 134 14.70 4.71 -6.99
N LYS A 135 16.01 4.72 -6.74
CA LYS A 135 16.98 3.67 -7.16
C LYS A 135 16.56 2.34 -6.52
N ASP A 136 15.93 2.40 -5.34
CA ASP A 136 15.50 1.20 -4.58
C ASP A 136 14.09 1.46 -4.04
N GLN A 137 13.07 1.17 -4.86
CA GLN A 137 11.65 1.51 -4.57
C GLN A 137 10.98 0.29 -3.94
N LYS A 138 10.96 0.23 -2.60
CA LYS A 138 10.62 -1.00 -1.83
C LYS A 138 9.11 -1.26 -1.72
N ASP A 139 8.24 -0.34 -2.18
CA ASP A 139 6.77 -0.56 -2.29
C ASP A 139 6.44 -1.05 -3.72
N LEU A 140 7.47 -1.28 -4.53
CA LEU A 140 7.32 -1.95 -5.85
C LEU A 140 8.03 -3.31 -5.80
N ILE A 141 7.38 -4.32 -6.37
CA ILE A 141 8.02 -5.62 -6.68
C ILE A 141 8.39 -5.53 -8.16
N LEU A 142 9.68 -5.43 -8.46
CA LEU A 142 10.21 -5.44 -9.83
C LEU A 142 10.50 -6.88 -10.23
N GLN A 143 9.97 -7.28 -11.38
CA GLN A 143 10.09 -8.64 -11.97
C GLN A 143 10.78 -8.50 -13.33
N GLY A 144 11.69 -9.44 -13.64
CA GLY A 144 12.43 -9.50 -14.92
C GLY A 144 13.31 -8.28 -15.10
N ASP A 145 13.16 -7.59 -16.22
CA ASP A 145 14.14 -6.57 -16.66
C ASP A 145 13.79 -5.18 -16.12
N ALA A 146 12.70 -5.02 -15.35
CA ALA A 146 12.25 -3.72 -14.81
C ALA A 146 13.32 -3.12 -13.90
N THR A 147 13.54 -1.80 -13.96
CA THR A 147 14.54 -1.08 -13.13
C THR A 147 14.04 0.32 -12.81
N THR A 148 14.59 0.93 -11.76
CA THR A 148 14.26 2.28 -11.24
C THR A 148 15.56 3.05 -10.92
N GLY A 149 15.55 4.38 -11.01
CA GLY A 149 16.66 5.28 -10.61
C GLY A 149 17.20 6.09 -11.78
N THR A 150 16.89 5.63 -12.99
CA THR A 150 17.31 6.21 -14.29
C THR A 150 16.46 7.47 -14.55
N ASP A 151 16.94 8.63 -14.09
CA ASP A 151 16.25 9.94 -14.23
C ASP A 151 14.90 9.91 -13.52
N GLY A 152 14.78 9.11 -12.44
CA GLY A 152 13.54 8.96 -11.63
C GLY A 152 12.40 8.29 -12.39
N ASN A 153 12.71 7.45 -13.38
CA ASN A 153 11.69 6.74 -14.20
C ASN A 153 11.68 5.25 -13.85
N LEU A 154 10.64 4.56 -14.31
CA LEU A 154 10.50 3.09 -14.26
C LEU A 154 10.72 2.56 -15.68
N GLU A 155 11.78 1.80 -15.90
CA GLU A 155 12.12 1.23 -17.24
C GLU A 155 11.79 -0.27 -17.21
N LEU A 156 10.63 -0.61 -17.76
CA LEU A 156 10.05 -1.96 -17.66
C LEU A 156 10.91 -2.94 -18.46
N THR A 157 11.42 -2.54 -19.64
CA THR A 157 12.29 -3.41 -20.49
C THR A 157 13.70 -2.82 -20.57
N ARG A 158 14.67 -3.67 -20.89
CA ARG A 158 16.13 -3.41 -20.83
C ARG A 158 16.47 -2.28 -21.80
N VAL A 159 17.30 -1.35 -21.32
CA VAL A 159 17.85 -0.23 -22.13
C VAL A 159 19.34 -0.20 -21.87
N SER A 160 20.15 -0.36 -22.91
CA SER A 160 21.63 -0.40 -22.79
C SER A 160 22.12 0.95 -22.21
N SER A 161 23.37 0.99 -21.75
CA SER A 161 24.06 2.21 -21.24
C SER A 161 24.06 3.34 -22.28
N ASN A 162 23.96 3.01 -23.58
CA ASN A 162 23.93 3.99 -24.71
C ASN A 162 22.51 4.47 -24.97
N GLY A 163 21.53 4.12 -24.11
CA GLY A 163 20.12 4.55 -24.22
C GLY A 163 19.33 3.74 -25.23
N SER A 164 19.95 2.72 -25.85
CA SER A 164 19.33 1.93 -26.95
C SER A 164 18.47 0.83 -26.34
N PRO A 165 17.18 0.74 -26.72
CA PRO A 165 16.32 -0.37 -26.26
C PRO A 165 16.70 -1.76 -26.81
N GLN A 166 16.55 -2.80 -25.99
CA GLN A 166 16.93 -4.20 -26.29
C GLN A 166 15.66 -5.00 -26.65
N GLY A 167 15.76 -5.84 -27.69
CA GLY A 167 14.75 -6.86 -28.05
C GLY A 167 14.72 -8.00 -27.04
N SER A 168 13.72 -8.87 -27.13
CA SER A 168 13.53 -10.08 -26.29
C SER A 168 13.69 -9.74 -24.80
N SER A 169 13.13 -8.61 -24.39
CA SER A 169 13.05 -8.18 -22.97
C SER A 169 11.58 -8.29 -22.48
N VAL A 170 11.40 -8.50 -21.18
CA VAL A 170 10.08 -8.52 -20.49
C VAL A 170 10.31 -8.12 -19.04
N GLY A 171 9.50 -7.19 -18.53
CA GLY A 171 9.59 -6.70 -17.15
C GLY A 171 8.25 -6.21 -16.63
N ARG A 172 8.01 -6.38 -15.34
CA ARG A 172 6.79 -5.85 -14.72
C ARG A 172 7.14 -5.19 -13.40
N ALA A 173 6.22 -4.36 -12.93
CA ALA A 173 6.26 -3.63 -11.65
C ALA A 173 4.89 -3.78 -10.98
N LEU A 174 4.87 -4.45 -9.83
CA LEU A 174 3.65 -4.65 -9.02
C LEU A 174 3.74 -3.80 -7.76
N PHE A 175 2.65 -3.13 -7.36
CA PHE A 175 2.55 -2.48 -6.04
C PHE A 175 2.62 -3.57 -4.96
N TYR A 176 3.31 -3.31 -3.86
CA TYR A 176 3.69 -4.34 -2.86
C TYR A 176 2.44 -4.89 -2.18
N ALA A 177 1.52 -4.02 -1.77
CA ALA A 177 0.36 -4.37 -0.93
C ALA A 177 -0.74 -4.93 -1.80
N PRO A 178 -1.33 -6.10 -1.44
CA PRO A 178 -2.51 -6.61 -2.11
C PRO A 178 -3.69 -5.64 -1.97
N VAL A 179 -4.58 -5.64 -2.97
CA VAL A 179 -5.78 -4.76 -3.01
C VAL A 179 -7.01 -5.64 -2.90
N HIS A 180 -8.00 -5.19 -2.13
CA HIS A 180 -9.37 -5.78 -2.08
C HIS A 180 -10.15 -5.19 -3.27
N ILE A 181 -10.36 -5.95 -4.34
CA ILE A 181 -10.92 -5.50 -5.65
C ILE A 181 -12.43 -5.78 -5.72
N TRP A 182 -12.96 -6.76 -4.97
CA TRP A 182 -14.42 -7.11 -4.89
C TRP A 182 -14.70 -7.91 -3.60
N GLU A 183 -15.85 -7.69 -2.96
CA GLU A 183 -16.34 -8.51 -1.81
C GLU A 183 -17.79 -8.92 -2.06
N SER A 184 -18.16 -10.14 -1.66
CA SER A 184 -19.51 -10.74 -1.86
C SER A 184 -20.56 -9.83 -1.21
N SER A 185 -20.37 -9.49 0.06
CA SER A 185 -21.26 -8.63 0.88
C SER A 185 -20.75 -7.18 0.83
N ALA A 186 -20.69 -6.57 -0.36
CA ALA A 186 -20.20 -5.18 -0.55
C ALA A 186 -21.17 -4.34 -1.39
N VAL A 187 -21.30 -3.06 -1.05
CA VAL A 187 -22.28 -2.09 -1.62
C VAL A 187 -21.70 -1.47 -2.90
N VAL A 188 -20.55 -0.83 -2.81
CA VAL A 188 -19.85 -0.22 -3.98
C VAL A 188 -18.35 -0.47 -3.87
N ALA A 189 -17.73 -0.80 -4.99
CA ALA A 189 -16.26 -0.93 -5.17
C ALA A 189 -15.92 -0.18 -6.45
N SER A 190 -14.80 0.51 -6.46
CA SER A 190 -14.27 1.15 -7.68
C SER A 190 -12.73 1.13 -7.64
N PHE A 191 -12.10 1.11 -8.80
CA PHE A 191 -10.66 1.45 -8.94
C PHE A 191 -10.50 2.38 -10.14
N GLU A 192 -9.48 3.24 -10.04
CA GLU A 192 -8.98 4.17 -11.08
C GLU A 192 -7.46 3.92 -11.15
N ALA A 193 -6.88 3.98 -12.35
CA ALA A 193 -5.42 3.89 -12.56
C ALA A 193 -5.05 4.94 -13.61
N THR A 194 -3.96 5.66 -13.37
CA THR A 194 -3.36 6.58 -14.34
C THR A 194 -1.88 6.25 -14.42
N PHE A 195 -1.31 6.21 -15.62
CA PHE A 195 0.16 6.19 -15.81
C PHE A 195 0.52 7.00 -17.05
N THR A 196 1.67 7.66 -17.02
CA THR A 196 2.27 8.32 -18.21
C THR A 196 3.45 7.48 -18.68
N PHE A 197 3.61 7.33 -20.01
CA PHE A 197 4.60 6.45 -20.64
C PHE A 197 5.30 7.18 -21.79
N LEU A 198 6.53 6.76 -22.09
CA LEU A 198 7.32 7.30 -23.22
C LEU A 198 7.82 6.11 -24.06
N ILE A 199 7.11 5.79 -25.14
CA ILE A 199 7.54 4.71 -26.10
C ILE A 199 8.36 5.37 -27.22
N LYS A 200 9.64 4.98 -27.34
CA LYS A 200 10.60 5.50 -28.35
C LYS A 200 11.28 4.30 -29.01
N SER A 201 11.35 4.28 -30.36
CA SER A 201 12.10 3.32 -31.18
C SER A 201 12.86 4.07 -32.27
N PRO A 202 14.18 3.89 -32.43
CA PRO A 202 14.87 4.44 -33.60
C PRO A 202 14.47 3.65 -34.85
N ASP A 203 14.11 2.36 -34.68
CA ASP A 203 13.64 1.45 -35.77
C ASP A 203 12.24 1.87 -36.24
N SER A 204 11.87 1.50 -37.46
CA SER A 204 10.57 1.80 -38.10
C SER A 204 9.51 0.77 -37.67
N HIS A 205 9.91 -0.23 -36.87
CA HIS A 205 8.99 -1.19 -36.21
C HIS A 205 9.18 -1.12 -34.69
N PRO A 206 8.32 -0.38 -33.97
CA PRO A 206 8.26 -0.51 -32.51
C PRO A 206 7.47 -1.73 -32.04
N ALA A 207 7.93 -2.37 -30.97
CA ALA A 207 7.31 -3.55 -30.32
C ALA A 207 7.77 -3.63 -28.87
N ASP A 208 6.96 -4.19 -27.96
CA ASP A 208 5.67 -4.83 -28.23
C ASP A 208 4.50 -4.12 -27.50
N GLY A 209 4.79 -3.32 -26.46
CA GLY A 209 3.78 -2.46 -25.79
C GLY A 209 3.80 -2.56 -24.27
N ILE A 210 2.82 -1.92 -23.64
CA ILE A 210 2.69 -1.77 -22.16
C ILE A 210 1.28 -2.19 -21.78
N ALA A 211 1.10 -2.67 -20.56
CA ALA A 211 -0.22 -3.07 -20.02
C ALA A 211 -0.29 -2.64 -18.55
N PHE A 212 -1.44 -2.07 -18.13
CA PHE A 212 -1.87 -2.11 -16.72
C PHE A 212 -2.51 -3.48 -16.49
N PHE A 213 -2.26 -4.15 -15.36
CA PHE A 213 -2.82 -5.50 -15.10
C PHE A 213 -3.12 -5.71 -13.61
N ILE A 214 -4.25 -6.38 -13.33
CA ILE A 214 -4.63 -6.95 -12.00
C ILE A 214 -4.43 -8.47 -12.09
N SER A 215 -3.85 -9.10 -11.06
CA SER A 215 -3.42 -10.52 -11.06
C SER A 215 -3.59 -11.10 -9.66
N ASN A 216 -3.52 -12.42 -9.56
CA ASN A 216 -3.31 -13.11 -8.25
C ASN A 216 -2.05 -12.51 -7.63
N ILE A 217 -2.09 -12.29 -6.32
CA ILE A 217 -0.99 -11.67 -5.52
C ILE A 217 0.38 -12.24 -5.91
N ASP A 218 0.46 -13.55 -6.15
CA ASP A 218 1.74 -14.31 -6.29
C ASP A 218 2.18 -14.37 -7.76
N SER A 219 1.56 -13.57 -8.64
CA SER A 219 1.82 -13.53 -10.11
C SER A 219 3.31 -13.37 -10.40
N SER A 220 3.77 -14.06 -11.43
CA SER A 220 5.17 -14.06 -11.90
C SER A 220 5.17 -13.83 -13.42
N ILE A 221 6.28 -13.37 -13.98
CA ILE A 221 6.46 -13.29 -15.46
C ILE A 221 6.41 -14.71 -15.98
N PRO A 222 5.41 -15.09 -16.80
CA PRO A 222 5.35 -16.45 -17.35
C PRO A 222 6.57 -16.60 -18.27
N SER A 223 7.33 -17.69 -18.16
CA SER A 223 8.59 -17.92 -18.92
C SER A 223 8.31 -17.79 -20.42
N GLY A 224 9.16 -17.08 -21.15
CA GLY A 224 9.06 -16.89 -22.60
C GLY A 224 7.97 -15.93 -23.01
N SER A 225 7.35 -15.20 -22.07
CA SER A 225 6.30 -14.18 -22.33
C SER A 225 6.91 -12.84 -22.78
N THR A 226 8.02 -12.88 -23.51
CA THR A 226 8.54 -11.73 -24.28
C THR A 226 7.63 -11.52 -25.49
N GLY A 227 7.87 -10.46 -26.25
CA GLY A 227 7.18 -10.20 -27.51
C GLY A 227 5.69 -10.06 -27.30
N ARG A 228 4.89 -10.64 -28.21
CA ARG A 228 3.41 -10.54 -28.32
C ARG A 228 2.70 -10.79 -26.97
N LEU A 229 3.34 -11.51 -26.05
CA LEU A 229 2.68 -11.99 -24.81
C LEU A 229 2.77 -10.93 -23.70
N LEU A 230 3.61 -9.91 -23.89
CA LEU A 230 3.57 -8.63 -23.13
C LEU A 230 3.84 -8.84 -21.64
N GLY A 231 4.44 -9.98 -21.25
CA GLY A 231 4.78 -10.29 -19.85
C GLY A 231 3.58 -10.75 -19.05
N LEU A 232 2.48 -11.13 -19.71
CA LEU A 232 1.18 -11.45 -19.06
C LEU A 232 0.83 -12.93 -19.20
N PHE A 233 1.03 -13.51 -20.39
CA PHE A 233 0.40 -14.80 -20.77
C PHE A 233 1.48 -15.82 -21.17
N PRO A 234 1.31 -17.09 -20.78
CA PRO A 234 2.29 -18.13 -21.11
C PRO A 234 2.13 -18.68 -22.54
N ASP A 235 0.94 -18.47 -23.11
CA ASP A 235 0.57 -18.89 -24.49
C ASP A 235 -0.35 -17.80 -25.03
N ALA A 236 -0.80 -17.96 -26.27
CA ALA A 236 -1.55 -16.94 -27.01
C ALA A 236 -2.97 -17.45 -27.30
N ASN A 237 -3.54 -18.26 -26.41
CA ASN A 237 -4.96 -18.71 -26.49
C ASN A 237 -5.87 -17.52 -26.10
N ALA B 1 18.88 -4.79 16.54
CA ALA B 1 17.46 -4.87 17.00
C ALA B 1 16.59 -3.97 16.12
N ASP B 2 15.27 -4.09 16.27
CA ASP B 2 14.29 -3.21 15.59
C ASP B 2 14.54 -1.75 16.01
N THR B 3 14.29 -0.83 15.10
CA THR B 3 14.28 0.63 15.33
C THR B 3 12.82 1.06 15.33
N ILE B 4 12.37 1.65 16.44
CA ILE B 4 10.93 1.88 16.74
C ILE B 4 10.76 3.33 17.16
N VAL B 5 9.75 4.00 16.61
CA VAL B 5 9.20 5.32 17.03
C VAL B 5 7.69 5.11 17.19
N ALA B 6 7.11 5.40 18.35
CA ALA B 6 5.70 5.06 18.60
C ALA B 6 5.04 6.22 19.34
N VAL B 7 3.71 6.27 19.26
CA VAL B 7 2.85 7.08 20.14
C VAL B 7 2.10 6.07 20.99
N GLU B 8 2.39 6.04 22.29
CA GLU B 8 1.79 5.06 23.23
C GLU B 8 0.54 5.68 23.85
N LEU B 9 -0.56 4.92 23.80
CA LEU B 9 -1.75 5.07 24.67
C LEU B 9 -1.56 4.13 25.88
N ASP B 10 -0.69 4.52 26.82
CA ASP B 10 -0.30 3.69 28.01
C ASP B 10 -1.37 3.84 29.08
N THR B 11 -2.08 2.75 29.38
CA THR B 11 -3.21 2.71 30.35
C THR B 11 -2.73 2.35 31.76
N TYR B 12 -1.58 1.67 31.89
CA TYR B 12 -1.04 1.11 33.15
C TYR B 12 0.30 1.75 33.54
N PRO B 13 0.31 2.63 34.57
CA PRO B 13 1.57 3.22 35.04
C PRO B 13 2.57 2.19 35.60
N ASN B 14 3.71 2.10 34.93
CA ASN B 14 4.91 1.30 35.28
C ASN B 14 6.01 2.24 35.76
N THR B 15 6.11 2.47 37.08
CA THR B 15 7.01 3.46 37.70
C THR B 15 8.45 2.96 37.56
N ASP B 16 8.65 1.64 37.51
CA ASP B 16 9.97 0.99 37.36
C ASP B 16 10.67 1.48 36.09
N ILE B 17 9.93 2.04 35.10
CA ILE B 17 10.45 2.43 33.75
C ILE B 17 10.10 3.89 33.41
N GLY B 18 9.71 4.71 34.39
CA GLY B 18 9.61 6.18 34.24
C GLY B 18 8.22 6.66 33.84
N ASP B 19 7.26 5.74 33.60
CA ASP B 19 5.84 6.11 33.32
C ASP B 19 5.36 7.00 34.47
N PRO B 20 4.56 8.06 34.22
CA PRO B 20 4.01 8.86 35.30
C PRO B 20 3.00 7.97 36.05
N SER B 21 2.50 8.43 37.19
CA SER B 21 1.67 7.61 38.10
C SER B 21 0.19 7.68 37.68
N TYR B 22 -0.08 7.86 36.38
CA TYR B 22 -1.44 7.99 35.79
C TYR B 22 -1.43 7.44 34.37
N PRO B 23 -2.58 7.01 33.83
CA PRO B 23 -2.71 6.72 32.41
C PRO B 23 -2.29 7.97 31.63
N HIS B 24 -1.46 7.76 30.61
CA HIS B 24 -0.77 8.84 29.86
C HIS B 24 -0.71 8.47 28.38
N ILE B 25 -0.53 9.48 27.52
CA ILE B 25 -0.10 9.34 26.11
C ILE B 25 1.34 9.84 26.06
N GLY B 26 2.18 9.24 25.22
CA GLY B 26 3.62 9.59 25.18
C GLY B 26 4.27 9.34 23.84
N ILE B 27 5.36 10.05 23.56
CA ILE B 27 6.21 9.80 22.37
C ILE B 27 7.38 8.91 22.82
N ASP B 28 7.53 7.75 22.19
CA ASP B 28 8.64 6.79 22.45
C ASP B 28 9.56 6.79 21.24
N ILE B 29 10.85 7.00 21.45
CA ILE B 29 11.90 7.00 20.38
C ILE B 29 13.00 6.02 20.78
N LYS B 30 12.91 4.80 20.28
CA LYS B 30 13.88 3.68 20.45
C LYS B 30 13.95 3.25 21.92
N SER B 31 12.93 3.60 22.72
CA SER B 31 12.81 3.29 24.17
C SER B 31 11.35 3.37 24.62
N VAL B 32 10.97 2.50 25.56
CA VAL B 32 9.63 2.48 26.17
C VAL B 32 9.53 3.60 27.21
N ARG B 33 10.67 4.11 27.68
CA ARG B 33 10.75 5.32 28.55
C ARG B 33 10.48 6.52 27.65
N SER B 34 9.24 7.00 27.68
CA SER B 34 8.73 8.00 26.71
C SER B 34 9.60 9.24 26.76
N LYS B 35 9.93 9.82 25.62
CA LYS B 35 10.69 11.10 25.57
C LYS B 35 9.82 12.22 26.14
N LYS B 36 8.50 12.11 26.02
CA LYS B 36 7.55 13.09 26.61
C LYS B 36 6.18 12.43 26.74
N THR B 37 5.45 12.77 27.81
CA THR B 37 4.12 12.21 28.16
C THR B 37 3.13 13.35 28.44
N ALA B 38 1.87 13.01 28.65
CA ALA B 38 0.84 13.95 29.12
C ALA B 38 -0.26 13.15 29.82
N LYS B 39 -0.96 13.74 30.80
CA LYS B 39 -2.05 12.99 31.48
C LYS B 39 -3.10 12.70 30.41
N TRP B 40 -3.65 11.48 30.45
CA TRP B 40 -4.74 11.02 29.56
C TRP B 40 -5.88 10.45 30.39
N ASN B 41 -7.08 11.07 30.31
CA ASN B 41 -8.29 10.66 31.05
C ASN B 41 -9.00 9.57 30.25
N MET B 42 -8.40 8.39 30.24
CA MET B 42 -8.94 7.20 29.55
C MET B 42 -10.37 6.96 30.06
N GLN B 43 -11.25 6.52 29.18
CA GLN B 43 -12.67 6.23 29.53
C GLN B 43 -12.95 4.76 29.21
N ASN B 44 -13.11 3.94 30.26
CA ASN B 44 -13.34 2.48 30.18
C ASN B 44 -14.62 2.18 29.36
N GLY B 45 -14.46 1.59 28.17
CA GLY B 45 -15.60 1.09 27.36
C GLY B 45 -16.21 2.18 26.49
N LYS B 46 -15.52 3.32 26.33
CA LYS B 46 -15.93 4.44 25.45
C LYS B 46 -15.04 4.34 24.21
N VAL B 47 -15.62 4.55 23.02
CA VAL B 47 -14.89 4.55 21.73
C VAL B 47 -14.09 5.85 21.60
N GLY B 48 -12.76 5.77 21.67
CA GLY B 48 -11.85 6.93 21.58
C GLY B 48 -11.17 7.04 20.21
N THR B 49 -10.48 8.16 19.95
CA THR B 49 -9.87 8.53 18.64
C THR B 49 -8.47 9.10 18.86
N ALA B 50 -7.52 8.70 18.04
CA ALA B 50 -6.11 9.15 18.12
C ALA B 50 -5.73 9.74 16.77
N HIS B 51 -4.99 10.85 16.79
CA HIS B 51 -4.44 11.54 15.60
C HIS B 51 -2.95 11.73 15.84
N ILE B 52 -2.12 11.27 14.91
CA ILE B 52 -0.63 11.41 14.96
C ILE B 52 -0.23 12.17 13.71
N ILE B 53 0.62 13.19 13.84
CA ILE B 53 1.04 14.05 12.69
C ILE B 53 2.53 14.37 12.82
N TYR B 54 3.17 14.68 11.69
CA TYR B 54 4.61 15.01 11.55
C TYR B 54 4.84 15.60 10.16
N ASN B 55 5.81 16.50 10.04
CA ASN B 55 6.35 16.91 8.72
C ASN B 55 7.86 17.13 8.82
N SER B 56 8.52 17.12 7.65
CA SER B 56 9.97 17.34 7.46
C SER B 56 10.33 18.81 7.74
N VAL B 57 9.37 19.75 7.70
CA VAL B 57 9.67 21.19 7.94
C VAL B 57 9.82 21.45 9.43
N ASP B 58 8.77 21.18 10.21
CA ASP B 58 8.72 21.46 11.67
C ASP B 58 9.46 20.36 12.42
N LYS B 59 9.58 19.17 11.79
CA LYS B 59 10.23 17.97 12.37
C LYS B 59 9.70 17.79 13.78
N ARG B 60 8.39 17.95 13.97
CA ARG B 60 7.73 17.83 15.29
C ARG B 60 6.70 16.71 15.17
N LEU B 61 6.85 15.67 15.99
CA LEU B 61 5.87 14.58 16.09
C LEU B 61 4.87 14.94 17.20
N SER B 62 3.59 15.02 16.86
CA SER B 62 2.49 15.40 17.79
C SER B 62 1.40 14.33 17.72
N ALA B 63 0.59 14.22 18.77
CA ALA B 63 -0.57 13.30 18.80
C ALA B 63 -1.66 13.92 19.67
N VAL B 64 -2.89 13.52 19.40
CA VAL B 64 -4.08 14.03 20.12
C VAL B 64 -5.06 12.86 20.22
N VAL B 65 -5.50 12.58 21.45
CA VAL B 65 -6.41 11.45 21.76
C VAL B 65 -7.67 12.06 22.37
N SER B 66 -8.84 11.63 21.90
CA SER B 66 -10.14 12.26 22.15
C SER B 66 -11.18 11.20 22.48
N TYR B 67 -12.17 11.59 23.26
CA TYR B 67 -13.47 10.89 23.41
C TYR B 67 -14.57 11.90 23.10
N PRO B 68 -15.75 11.44 22.62
CA PRO B 68 -16.96 12.25 22.62
C PRO B 68 -17.09 13.19 23.82
N ASN B 69 -17.36 14.47 23.55
CA ASN B 69 -17.84 15.48 24.53
C ASN B 69 -16.99 15.37 25.80
N ALA B 70 -15.68 15.59 25.67
CA ALA B 70 -14.69 15.61 26.78
C ALA B 70 -13.38 16.24 26.29
N ASP B 71 -12.63 16.89 27.19
CA ASP B 71 -11.33 17.52 26.86
C ASP B 71 -10.41 16.43 26.31
N SER B 72 -9.71 16.74 25.22
CA SER B 72 -8.71 15.85 24.60
C SER B 72 -7.40 15.91 25.38
N ALA B 73 -6.46 15.01 25.08
CA ALA B 73 -5.05 15.02 25.53
C ALA B 73 -4.12 15.14 24.31
N THR B 74 -2.95 15.75 24.50
CA THR B 74 -1.99 16.13 23.45
C THR B 74 -0.57 15.91 23.96
N VAL B 75 0.33 15.48 23.09
CA VAL B 75 1.79 15.42 23.41
C VAL B 75 2.52 15.76 22.12
N SER B 76 3.71 16.36 22.22
CA SER B 76 4.56 16.81 21.09
C SER B 76 6.03 16.63 21.46
N TYR B 77 6.85 16.23 20.52
CA TYR B 77 8.32 16.10 20.71
C TYR B 77 9.02 16.44 19.39
N ASP B 78 9.97 17.36 19.43
CA ASP B 78 10.81 17.71 18.26
C ASP B 78 11.78 16.54 18.09
N VAL B 79 11.77 15.91 16.93
CA VAL B 79 12.72 14.84 16.55
C VAL B 79 12.86 14.82 15.02
N ASP B 80 14.08 14.73 14.50
CA ASP B 80 14.34 14.54 13.05
C ASP B 80 14.37 13.04 12.81
N LEU B 81 13.32 12.51 12.17
CA LEU B 81 13.18 11.05 11.91
C LEU B 81 14.16 10.65 10.80
N ASP B 82 14.76 11.61 10.09
CA ASP B 82 15.90 11.37 9.17
C ASP B 82 17.05 10.72 9.94
N ASN B 83 17.23 11.09 11.22
CA ASN B 83 18.35 10.68 12.09
C ASN B 83 18.00 9.42 12.90
N VAL B 84 16.70 9.10 13.04
CA VAL B 84 16.17 8.02 13.90
C VAL B 84 15.79 6.78 13.07
N LEU B 85 14.98 6.95 12.02
CA LEU B 85 14.37 5.83 11.27
C LEU B 85 15.16 5.56 9.99
N PRO B 86 15.04 4.36 9.39
CA PRO B 86 15.52 4.16 8.03
C PRO B 86 14.51 4.84 7.11
N GLU B 87 14.91 5.10 5.85
CA GLU B 87 14.13 5.84 4.82
C GLU B 87 12.83 5.07 4.58
N TRP B 88 12.95 3.76 4.65
CA TRP B 88 11.87 2.83 4.31
C TRP B 88 11.45 2.12 5.58
N VAL B 89 10.14 2.13 5.83
CA VAL B 89 9.53 1.70 7.11
C VAL B 89 8.22 0.98 6.82
N ARG B 90 7.71 0.30 7.84
CA ARG B 90 6.31 -0.20 7.87
C ARG B 90 5.59 0.53 9.00
N VAL B 91 4.28 0.70 8.91
CA VAL B 91 3.52 1.37 9.99
C VAL B 91 2.51 0.38 10.55
N GLY B 92 2.22 0.49 11.85
CA GLY B 92 1.53 -0.56 12.60
C GLY B 92 0.85 -0.03 13.84
N LEU B 93 -0.05 -0.86 14.38
CA LEU B 93 -0.68 -0.71 15.70
C LEU B 93 -0.23 -1.93 16.50
N SER B 94 0.20 -1.69 17.73
CA SER B 94 0.62 -2.74 18.70
C SER B 94 -0.21 -2.55 19.96
N ALA B 95 -0.46 -3.64 20.69
CA ALA B 95 -1.17 -3.61 21.99
C ALA B 95 -0.73 -4.81 22.82
N SER B 96 -0.73 -4.68 24.13
CA SER B 96 -0.31 -5.78 25.02
C SER B 96 -1.11 -5.71 26.32
N THR B 97 -1.23 -6.86 27.00
CA THR B 97 -1.68 -7.03 28.40
C THR B 97 -0.59 -7.81 29.16
N GLY B 98 -0.61 -7.77 30.49
CA GLY B 98 0.26 -8.58 31.37
C GLY B 98 -0.53 -9.21 32.50
N LEU B 99 -0.15 -8.92 33.75
CA LEU B 99 -0.88 -9.35 34.97
C LEU B 99 -2.32 -8.84 34.86
N TYR B 100 -2.49 -7.58 34.48
CA TYR B 100 -3.82 -6.97 34.25
C TYR B 100 -4.08 -6.85 32.73
N LYS B 101 -5.34 -6.63 32.35
CA LYS B 101 -5.86 -6.91 30.99
C LYS B 101 -6.90 -5.87 30.58
N GLU B 102 -7.16 -5.81 29.26
CA GLU B 102 -8.13 -4.89 28.60
C GLU B 102 -8.37 -5.37 27.15
N THR B 103 -9.55 -5.13 26.59
CA THR B 103 -9.77 -5.25 25.14
C THR B 103 -8.93 -4.18 24.45
N ASN B 104 -8.17 -4.53 23.41
CA ASN B 104 -7.43 -3.54 22.59
C ASN B 104 -8.07 -3.51 21.20
N THR B 105 -9.33 -3.11 21.12
CA THR B 105 -10.17 -3.16 19.90
C THR B 105 -9.89 -1.92 19.03
N ILE B 106 -9.57 -2.15 17.74
CA ILE B 106 -9.36 -1.07 16.72
C ILE B 106 -10.55 -1.16 15.78
N LEU B 107 -11.25 -0.05 15.57
CA LEU B 107 -12.51 0.02 14.77
C LEU B 107 -12.24 0.68 13.41
N SER B 108 -11.14 1.43 13.31
CA SER B 108 -10.79 2.27 12.14
C SER B 108 -9.31 2.64 12.23
N TRP B 109 -8.64 2.65 11.07
CA TRP B 109 -7.24 3.07 10.97
C TRP B 109 -7.01 3.63 9.58
N SER B 110 -6.56 4.87 9.50
CA SER B 110 -6.22 5.53 8.23
C SER B 110 -4.78 6.01 8.36
N PHE B 111 -4.10 6.11 7.21
CA PHE B 111 -2.71 6.60 7.12
C PHE B 111 -2.51 7.29 5.77
N THR B 112 -1.89 8.47 5.78
CA THR B 112 -1.52 9.26 4.58
C THR B 112 -0.05 9.62 4.70
N SER B 113 0.75 9.34 3.67
CA SER B 113 2.17 9.77 3.61
C SER B 113 2.45 10.42 2.25
N LYS B 114 3.05 11.61 2.25
CA LYS B 114 3.35 12.42 1.04
C LYS B 114 4.83 12.80 1.12
N LEU B 115 5.53 12.81 -0.02
CA LEU B 115 6.99 13.07 -0.10
C LEU B 115 7.34 13.69 -1.47
N LYS B 116 7.77 14.97 -1.50
CA LYS B 116 8.25 15.67 -2.73
C LYS B 116 9.80 15.79 -2.71
N SER B 117 10.47 15.18 -3.71
CA SER B 117 11.95 15.23 -3.95
C SER B 117 12.38 16.57 -4.58
N THR B 123 5.10 15.01 -6.44
CA THR B 123 4.74 14.37 -5.15
C THR B 123 4.60 12.85 -5.31
N ASN B 124 5.20 12.06 -4.40
CA ASN B 124 4.85 10.61 -4.20
C ASN B 124 3.90 10.49 -2.99
N ALA B 125 2.89 9.61 -3.06
CA ALA B 125 1.86 9.52 -2.01
C ALA B 125 1.43 8.07 -1.77
N LEU B 126 1.15 7.74 -0.50
CA LEU B 126 0.44 6.51 -0.07
C LEU B 126 -0.69 6.91 0.87
N HIS B 127 -1.86 6.33 0.66
CA HIS B 127 -3.02 6.51 1.55
C HIS B 127 -3.74 5.16 1.70
N PHE B 128 -4.08 4.78 2.92
CA PHE B 128 -5.04 3.68 3.17
C PHE B 128 -5.96 4.11 4.31
N MET B 129 -7.14 3.52 4.31
CA MET B 129 -8.18 3.74 5.32
C MET B 129 -8.89 2.41 5.55
N PHE B 130 -8.88 1.92 6.78
CA PHE B 130 -9.68 0.74 7.21
C PHE B 130 -10.80 1.25 8.09
N ASN B 131 -12.06 1.08 7.71
CA ASN B 131 -13.20 1.40 8.61
C ASN B 131 -13.90 0.11 9.03
N GLN B 132 -13.74 -0.94 8.24
CA GLN B 132 -14.07 -2.33 8.62
C GLN B 132 -12.82 -3.17 8.27
N PHE B 133 -12.67 -4.31 8.93
CA PHE B 133 -11.55 -5.28 8.80
C PHE B 133 -12.14 -6.66 8.51
N SER B 134 -11.77 -7.30 7.41
CA SER B 134 -12.35 -8.60 6.96
C SER B 134 -11.66 -9.77 7.67
N LYS B 135 -12.26 -10.97 7.56
CA LYS B 135 -11.79 -12.22 8.22
C LYS B 135 -10.35 -12.53 7.78
N ASP B 136 -9.99 -12.14 6.55
CA ASP B 136 -8.66 -12.40 5.98
C ASP B 136 -8.20 -11.13 5.26
N GLN B 137 -7.57 -10.21 6.01
CA GLN B 137 -7.18 -8.86 5.52
C GLN B 137 -5.73 -8.90 5.06
N LYS B 138 -5.51 -9.13 3.76
CA LYS B 138 -4.19 -9.49 3.18
C LYS B 138 -3.27 -8.27 2.98
N ASP B 139 -3.73 -7.03 3.16
CA ASP B 139 -2.85 -5.82 3.15
C ASP B 139 -2.45 -5.47 4.59
N LEU B 140 -2.80 -6.35 5.54
CA LEU B 140 -2.27 -6.30 6.93
C LEU B 140 -1.39 -7.52 7.19
N ILE B 141 -0.25 -7.29 7.84
CA ILE B 141 0.57 -8.38 8.43
C ILE B 141 0.18 -8.44 9.90
N LEU B 142 -0.50 -9.50 10.30
CA LEU B 142 -0.91 -9.75 11.71
C LEU B 142 0.20 -10.52 12.43
N GLN B 143 0.62 -10.00 13.57
CA GLN B 143 1.71 -10.52 14.42
C GLN B 143 1.12 -10.89 15.78
N GLY B 144 1.56 -12.00 16.36
CA GLY B 144 1.07 -12.57 17.63
C GLY B 144 -0.44 -12.78 17.65
N ASP B 145 -1.11 -12.18 18.62
CA ASP B 145 -2.49 -12.54 19.00
C ASP B 145 -3.51 -11.72 18.18
N ALA B 146 -3.07 -10.80 17.31
CA ALA B 146 -3.97 -9.91 16.53
C ALA B 146 -4.88 -10.75 15.64
N THR B 147 -6.16 -10.39 15.51
CA THR B 147 -7.16 -11.11 14.69
C THR B 147 -8.12 -10.11 14.06
N THR B 148 -8.76 -10.51 12.96
CA THR B 148 -9.75 -9.72 12.18
C THR B 148 -11.00 -10.58 11.87
N GLY B 149 -12.17 -9.96 11.73
CA GLY B 149 -13.43 -10.64 11.31
C GLY B 149 -14.50 -10.59 12.38
N THR B 150 -14.10 -10.33 13.63
CA THR B 150 -14.96 -10.21 14.84
C THR B 150 -15.68 -8.86 14.80
N ASP B 151 -16.87 -8.83 14.20
CA ASP B 151 -17.74 -7.62 14.05
C ASP B 151 -17.01 -6.57 13.21
N GLY B 152 -16.15 -6.99 12.27
CA GLY B 152 -15.36 -6.11 11.38
C GLY B 152 -14.32 -5.27 12.12
N ASN B 153 -13.82 -5.75 13.25
CA ASN B 153 -12.81 -5.03 14.07
C ASN B 153 -11.45 -5.70 13.96
N LEU B 154 -10.42 -4.99 14.44
CA LEU B 154 -9.06 -5.51 14.64
C LEU B 154 -8.84 -5.69 16.14
N GLU B 155 -8.68 -6.93 16.61
CA GLU B 155 -8.50 -7.26 18.04
C GLU B 155 -7.04 -7.62 18.25
N LEU B 156 -6.29 -6.67 18.77
CA LEU B 156 -4.81 -6.75 18.84
C LEU B 156 -4.42 -7.82 19.85
N THR B 157 -5.11 -7.88 21.00
CA THR B 157 -4.87 -8.89 22.07
C THR B 157 -6.07 -9.83 22.20
N ARG B 158 -5.84 -11.02 22.75
CA ARG B 158 -6.82 -12.14 22.86
C ARG B 158 -8.05 -11.68 23.64
N VAL B 159 -9.23 -12.06 23.15
CA VAL B 159 -10.55 -11.73 23.74
C VAL B 159 -11.42 -13.00 23.66
N SER B 160 -11.97 -13.47 24.78
CA SER B 160 -12.87 -14.64 24.85
C SER B 160 -14.13 -14.39 23.99
N SER B 161 -14.92 -15.44 23.74
CA SER B 161 -16.25 -15.43 23.08
C SER B 161 -17.19 -14.36 23.66
N ASN B 162 -17.08 -14.00 24.94
CA ASN B 162 -18.01 -13.01 25.58
C ASN B 162 -17.35 -11.63 25.59
N GLY B 163 -16.30 -11.42 24.79
CA GLY B 163 -15.58 -10.14 24.69
C GLY B 163 -14.66 -9.88 25.88
N SER B 164 -14.45 -10.87 26.75
CA SER B 164 -13.66 -10.73 28.00
C SER B 164 -12.16 -10.82 27.67
N PRO B 165 -11.39 -9.77 27.97
CA PRO B 165 -9.96 -9.74 27.63
C PRO B 165 -9.06 -10.67 28.46
N GLN B 166 -8.03 -11.21 27.82
CA GLN B 166 -7.04 -12.14 28.42
C GLN B 166 -5.75 -11.36 28.74
N GLY B 167 -5.11 -11.69 29.86
CA GLY B 167 -3.79 -11.19 30.28
C GLY B 167 -2.69 -11.84 29.47
N SER B 168 -1.44 -11.36 29.63
CA SER B 168 -0.22 -11.93 29.01
C SER B 168 -0.40 -12.11 27.49
N SER B 169 -1.08 -11.18 26.83
CA SER B 169 -1.29 -11.17 25.36
C SER B 169 -0.48 -10.02 24.74
N VAL B 170 -0.06 -10.18 23.48
CA VAL B 170 0.63 -9.14 22.67
C VAL B 170 0.33 -9.43 21.20
N GLY B 171 -0.05 -8.38 20.46
CA GLY B 171 -0.35 -8.47 19.03
C GLY B 171 -0.11 -7.16 18.32
N ARG B 172 0.28 -7.23 17.06
CA ARG B 172 0.40 -6.01 16.23
C ARG B 172 -0.23 -6.26 14.86
N ALA B 173 -0.51 -5.16 14.17
CA ALA B 173 -0.99 -5.11 12.77
C ALA B 173 -0.15 -4.09 12.01
N LEU B 174 0.60 -4.56 11.02
CA LEU B 174 1.44 -3.68 10.15
C LEU B 174 0.78 -3.63 8.75
N PHE B 175 0.72 -2.44 8.14
CA PHE B 175 0.32 -2.29 6.73
C PHE B 175 1.36 -3.01 5.88
N TYR B 176 0.95 -3.70 4.84
CA TYR B 176 1.80 -4.68 4.13
C TYR B 176 2.93 -3.94 3.41
N ALA B 177 2.61 -2.82 2.72
CA ALA B 177 3.54 -2.10 1.83
C ALA B 177 4.44 -1.20 2.65
N PRO B 178 5.77 -1.24 2.43
CA PRO B 178 6.68 -0.26 3.02
C PRO B 178 6.35 1.17 2.59
N VAL B 179 6.63 2.14 3.48
CA VAL B 179 6.35 3.59 3.26
C VAL B 179 7.69 4.31 3.16
N HIS B 180 7.80 5.23 2.20
CA HIS B 180 8.93 6.19 2.07
C HIS B 180 8.60 7.36 3.00
N ILE B 181 9.24 7.44 4.16
CA ILE B 181 8.87 8.37 5.27
C ILE B 181 9.80 9.60 5.25
N TRP B 182 11.02 9.47 4.70
CA TRP B 182 12.00 10.59 4.51
C TRP B 182 12.97 10.27 3.36
N GLU B 183 13.36 11.28 2.58
CA GLU B 183 14.44 11.19 1.56
C GLU B 183 15.42 12.36 1.75
N SER B 184 16.72 12.12 1.54
CA SER B 184 17.83 13.10 1.73
C SER B 184 17.59 14.29 0.80
N SER B 185 17.34 13.99 -0.48
CA SER B 185 17.09 14.93 -1.60
C SER B 185 15.60 15.28 -1.72
N ALA B 186 14.93 15.66 -0.62
CA ALA B 186 13.46 15.89 -0.60
C ALA B 186 13.13 17.20 0.09
N VAL B 187 12.12 17.89 -0.45
CA VAL B 187 11.65 19.25 -0.10
C VAL B 187 10.71 19.17 1.10
N VAL B 188 9.61 18.43 0.94
CA VAL B 188 8.59 18.24 2.01
C VAL B 188 8.15 16.78 2.04
N ALA B 189 8.08 16.23 3.25
CA ALA B 189 7.50 14.93 3.59
C ALA B 189 6.54 15.17 4.75
N SER B 190 5.41 14.46 4.78
CA SER B 190 4.45 14.50 5.89
C SER B 190 3.77 13.13 6.01
N PHE B 191 3.36 12.77 7.22
CA PHE B 191 2.39 11.67 7.44
C PHE B 191 1.37 12.13 8.48
N GLU B 192 0.15 11.61 8.33
CA GLU B 192 -0.89 11.65 9.38
C GLU B 192 -1.41 10.23 9.57
N ALA B 193 -1.85 9.94 10.79
CA ALA B 193 -2.47 8.65 11.17
C ALA B 193 -3.66 8.97 12.06
N THR B 194 -4.77 8.27 11.82
CA THR B 194 -5.97 8.30 12.68
C THR B 194 -6.36 6.86 12.95
N PHE B 195 -6.75 6.54 14.18
CA PHE B 195 -7.38 5.25 14.53
C PHE B 195 -8.38 5.47 15.68
N THR B 196 -9.46 4.69 15.67
CA THR B 196 -10.43 4.65 16.79
C THR B 196 -10.26 3.32 17.53
N PHE B 197 -10.35 3.34 18.85
CA PHE B 197 -10.07 2.20 19.74
C PHE B 197 -11.17 2.09 20.81
N LEU B 198 -11.38 0.89 21.34
CA LEU B 198 -12.30 0.62 22.47
C LEU B 198 -11.52 -0.15 23.55
N ILE B 199 -11.03 0.52 24.59
CA ILE B 199 -10.34 -0.14 25.74
C ILE B 199 -11.39 -0.38 26.83
N LYS B 200 -11.65 -1.65 27.16
CA LYS B 200 -12.65 -2.11 28.16
C LYS B 200 -12.00 -3.14 29.10
N SER B 201 -12.15 -2.97 30.42
CA SER B 201 -11.75 -3.90 31.50
C SER B 201 -12.90 -4.00 32.50
N PRO B 202 -13.29 -5.21 32.96
CA PRO B 202 -14.00 -5.30 34.23
C PRO B 202 -12.98 -4.97 35.35
N ASP B 203 -13.38 -4.10 36.27
CA ASP B 203 -12.49 -3.51 37.30
C ASP B 203 -11.83 -2.25 36.73
N SER B 204 -11.47 -1.30 37.60
CA SER B 204 -10.82 -0.01 37.26
C SER B 204 -9.30 -0.19 37.31
N HIS B 205 -8.79 -1.35 36.89
CA HIS B 205 -7.33 -1.64 36.76
C HIS B 205 -7.04 -2.21 35.37
N PRO B 206 -7.10 -1.40 34.29
CA PRO B 206 -6.75 -1.87 32.94
C PRO B 206 -5.25 -1.83 32.61
N ALA B 207 -4.81 -2.69 31.69
CA ALA B 207 -3.41 -2.78 31.19
C ALA B 207 -3.39 -3.48 29.83
N ASP B 208 -2.43 -3.18 28.94
CA ASP B 208 -1.31 -2.26 29.18
C ASP B 208 -1.33 -1.05 28.22
N GLY B 209 -2.05 -1.12 27.10
CA GLY B 209 -2.24 0.02 26.19
C GLY B 209 -2.01 -0.33 24.73
N ILE B 210 -2.11 0.70 23.87
CA ILE B 210 -2.06 0.62 22.39
C ILE B 210 -1.03 1.64 21.94
N ALA B 211 -0.41 1.39 20.79
CA ALA B 211 0.57 2.31 20.18
C ALA B 211 0.36 2.33 18.67
N PHE B 212 0.41 3.51 18.05
CA PHE B 212 0.79 3.65 16.63
C PHE B 212 2.31 3.59 16.57
N PHE B 213 2.92 2.87 15.62
CA PHE B 213 4.40 2.75 15.54
C PHE B 213 4.86 2.69 14.09
N ILE B 214 5.99 3.35 13.80
CA ILE B 214 6.80 3.24 12.55
C ILE B 214 8.07 2.45 12.92
N SER B 215 8.48 1.50 12.08
CA SER B 215 9.58 0.54 12.35
C SER B 215 10.31 0.20 11.06
N ASN B 216 11.47 -0.43 11.19
CA ASN B 216 12.13 -1.15 10.07
C ASN B 216 11.11 -2.14 9.51
N ILE B 217 11.03 -2.23 8.20
CA ILE B 217 10.09 -3.12 7.44
C ILE B 217 9.98 -4.50 8.09
N ASP B 218 11.08 -5.08 8.58
CA ASP B 218 11.17 -6.50 8.98
C ASP B 218 10.86 -6.65 10.50
N SER B 219 10.35 -5.60 11.13
CA SER B 219 9.98 -5.54 12.57
C SER B 219 9.08 -6.73 12.92
N SER B 220 9.30 -7.33 14.09
CA SER B 220 8.50 -8.45 14.62
C SER B 220 8.25 -8.14 16.09
N ILE B 221 7.32 -8.82 16.74
CA ILE B 221 7.06 -8.68 18.20
C ILE B 221 8.32 -9.16 18.91
N PRO B 222 9.06 -8.27 19.60
CA PRO B 222 10.29 -8.67 20.27
C PRO B 222 9.94 -9.63 21.39
N SER B 223 10.76 -10.68 21.58
CA SER B 223 10.56 -11.75 22.57
C SER B 223 10.19 -11.15 23.94
N GLY B 224 9.16 -11.71 24.57
CA GLY B 224 8.76 -11.35 25.94
C GLY B 224 8.10 -9.98 26.05
N SER B 225 7.79 -9.30 24.94
CA SER B 225 7.32 -7.89 24.95
C SER B 225 5.79 -7.80 25.19
N THR B 226 5.22 -8.69 26.00
CA THR B 226 3.87 -8.49 26.62
C THR B 226 3.97 -7.39 27.69
N GLY B 227 2.83 -7.02 28.29
CA GLY B 227 2.78 -6.09 29.43
C GLY B 227 3.38 -4.74 29.06
N ARG B 228 4.17 -4.16 29.98
CA ARG B 228 4.78 -2.80 29.94
C ARG B 228 5.46 -2.49 28.61
N LEU B 229 5.92 -3.52 27.88
CA LEU B 229 6.75 -3.31 26.68
C LEU B 229 5.88 -3.12 25.44
N LEU B 230 4.58 -3.39 25.54
CA LEU B 230 3.54 -2.92 24.58
C LEU B 230 3.76 -3.52 23.19
N GLY B 231 4.54 -4.59 23.05
CA GLY B 231 4.81 -5.25 21.76
C GLY B 231 5.82 -4.50 20.91
N LEU B 232 6.57 -3.57 21.51
CA LEU B 232 7.48 -2.64 20.80
C LEU B 232 8.95 -2.92 21.13
N PHE B 233 9.27 -3.17 22.41
CA PHE B 233 10.63 -3.07 22.97
C PHE B 233 11.08 -4.40 23.56
N PRO B 234 12.34 -4.81 23.32
CA PRO B 234 12.84 -6.08 23.85
C PRO B 234 13.23 -6.05 25.33
N ASP B 235 13.50 -4.86 25.84
CA ASP B 235 13.81 -4.55 27.27
C ASP B 235 13.24 -3.15 27.54
N ALA B 236 13.49 -2.61 28.73
CA ALA B 236 12.87 -1.34 29.19
C ALA B 236 13.90 -0.22 29.27
N ASN B 237 14.95 -0.24 28.44
CA ASN B 237 16.00 0.81 28.42
C ASN B 237 15.43 2.05 27.70
MN MN E . -2.95 -6.92 -29.06
CA CA F . 0.86 -7.32 -30.41
C1 MAN G . 8.59 -11.42 -33.34
C2 MAN G . 8.33 -12.13 -32.02
C3 MAN G . 7.00 -11.65 -31.44
C4 MAN G . 7.04 -10.13 -31.26
C5 MAN G . 7.53 -9.39 -32.50
C6 MAN G . 7.95 -7.94 -32.23
O2 MAN G . 9.39 -11.90 -31.10
O3 MAN G . 6.75 -12.32 -30.20
O4 MAN G . 5.73 -9.67 -30.91
O5 MAN G . 8.63 -10.02 -33.17
O6 MAN G . 8.95 -7.79 -31.23
MN MN H . 4.20 4.81 29.41
CA CA I . 2.81 1.32 31.13
C1 MAN J . 2.70 -6.96 35.58
C2 MAN J . 3.58 -7.20 34.36
C3 MAN J . 3.81 -5.86 33.69
C4 MAN J . 2.48 -5.27 33.26
C5 MAN J . 1.43 -5.31 34.37
C6 MAN J . 0.03 -5.15 33.84
O2 MAN J . 2.97 -8.16 33.50
O3 MAN J . 4.66 -6.01 32.56
O4 MAN J . 2.68 -3.91 32.84
O5 MAN J . 1.43 -6.48 35.18
O6 MAN J . -0.30 -6.13 32.86
C1 SQ0 K . 7.53 -10.94 -35.43
C2 SQ0 K . 6.85 -11.67 -36.58
C3 SQ0 K . 4.84 -10.43 -37.04
C4 SQ0 K . 4.64 -10.57 -38.55
C5 SQ0 K . 5.87 -8.76 -39.63
O1 SQ0 K . 5.42 -11.59 -36.47
N1 SQ0 K . 4.72 -9.27 -39.20
C6 SQ0 K . 6.35 -7.48 -40.00
C7 SQ0 K . 7.66 -8.01 -40.34
C8 SQ0 K . 7.17 -9.37 -39.97
O2 SQ0 K . 7.64 -10.50 -39.96
O3 SQ0 K . 8.71 -7.55 -40.75
O4 SQ0 K . 1.16 -0.42 -39.01
C9 SQ0 K . 1.80 -1.50 -38.35
C10 SQ0 K . 3.31 -1.48 -38.50
C11 SQ0 K . 4.01 -2.66 -37.82
C12 SQ0 K . 4.97 -3.42 -38.71
C13 SQ0 K . 4.31 -4.34 -39.75
C14 SQ0 K . 4.56 -5.83 -39.55
N2 SQ0 K . 5.88 -6.24 -40.02
O6 SQ0 K . 7.57 -11.76 -34.25
C1 SQ0 L . 2.98 -6.11 37.80
C2 SQ0 L . 2.33 -4.84 38.22
C3 SQ0 L . 2.74 -2.58 38.86
C4 SQ0 L . 3.25 -2.03 40.16
C5 SQ0 L . 2.12 0.14 40.34
O1 SQ0 L . 3.31 -3.84 38.53
N1 SQ0 L . 3.22 -0.57 40.14
C6 SQ0 L . 0.76 -0.15 40.65
C7 SQ0 L . 0.41 1.27 40.66
C8 SQ0 L . 1.84 1.58 40.31
O2 SQ0 L . 2.49 2.60 40.10
O3 SQ0 L . -0.62 1.92 40.85
O4 SQ0 L . -6.64 -3.45 44.21
C9 SQ0 L . -6.36 -2.34 43.37
C10 SQ0 L . -5.53 -2.78 42.19
C11 SQ0 L . -4.97 -1.64 41.37
C12 SQ0 L . -3.69 -2.00 40.63
C13 SQ0 L . -2.41 -1.48 41.28
C14 SQ0 L . -1.27 -1.42 40.30
N2 SQ0 L . 0.04 -1.22 40.91
O6 SQ0 L . 3.30 -6.01 36.42
#